data_7RTV
#
_entry.id   7RTV
#
_cell.length_a   1.00
_cell.length_b   1.00
_cell.length_c   1.00
_cell.angle_alpha   90.00
_cell.angle_beta   90.00
_cell.angle_gamma   90.00
#
_symmetry.space_group_name_H-M   'P 1'
#
loop_
_entity.id
_entity.type
_entity.pdbx_description
1 polymer 'Protein tweety homolog 2'
2 branched beta-D-mannopyranose-(1-4)-2-acetamido-2-deoxy-beta-D-glucopyranose-(1-4)-2-acetamido-2-deoxy-beta-D-glucopyranose
#
_entity_poly.entity_id   1
_entity_poly.type   'polypeptide(L)'
_entity_poly.pdbx_seq_one_letter_code
;PAARVEYIAPWWVVWLHSVPHLGLRLQRVDSTFSPGDETYQESLLFLGVLAAIGLGLNLIFLTVYLVCTCCCRRDHTVQT
KQQESCCVTWTAVVAGLLCCAAVGVGFYGNSETNDGMHQLIYSLDNANHTFSGMDELVSANTQRMKVDLEQHLARLSEII
AARGDYIQTLKFMQQMAGNVVSQLSGLPVWREVTTQLTKLSHQTAYVEYYRWLSYLLLFILDLVICLVTCLGLARRSKCL
LASMLCCGILTLILSWASLAADAAAAVGTSDFCMAPDIYILNNTGSQINSEVTRYYLHCSQSLISPFQQSLTTFQRSLTT
MQIQVGGLLQFAVPLFPTAEKDLLGIQLLLNNSEISLHQLTAMLDCRGLHKDYLDALTGICYDGIEGLLFLGLFSLLAAL
AFSTLTCAGPRAWKYFINRDRDYDDIDDDDPFNPQARRIAAHNPTRGQLHSFCSYSSGLGSQCSLQPPSQTISNAPVSEY
MNQAILFGGNPRYENVPLIGRGSPPPTYSPSMRPTYMSVADEHLRHYEFPSSNSLEVLFQ
;
_entity_poly.pdbx_strand_id   A
#
loop_
_chem_comp.id
_chem_comp.type
_chem_comp.name
_chem_comp.formula
BMA D-saccharide, beta linking beta-D-mannopyranose 'C6 H12 O6'
NAG D-saccharide, beta linking 2-acetamido-2-deoxy-beta-D-glucopyranose 'C8 H15 N O6'
#
# COMPACT_ATOMS: atom_id res chain seq x y z
N PHE A 33 0.00 16.83 -4.31
CA PHE A 33 1.39 16.42 -4.08
C PHE A 33 1.90 16.87 -2.72
N SER A 34 3.22 17.12 -2.65
CA SER A 34 3.81 17.52 -1.37
C SER A 34 3.50 18.97 -1.03
N PRO A 35 3.85 19.97 -1.85
CA PRO A 35 3.63 21.37 -1.45
C PRO A 35 2.17 21.75 -1.50
N GLY A 36 1.83 22.79 -0.76
CA GLY A 36 0.47 23.26 -0.63
C GLY A 36 0.01 24.29 -1.63
N ASP A 37 0.82 24.60 -2.64
CA ASP A 37 0.47 25.63 -3.62
C ASP A 37 0.97 25.17 -5.00
N GLU A 38 0.06 24.61 -5.79
CA GLU A 38 0.38 24.21 -7.16
C GLU A 38 -0.93 24.07 -7.93
N THR A 39 -0.80 23.76 -9.22
CA THR A 39 -1.99 23.66 -10.09
C THR A 39 -2.89 22.50 -9.66
N TYR A 40 -2.30 21.36 -9.31
CA TYR A 40 -3.10 20.19 -8.98
C TYR A 40 -4.02 20.46 -7.79
N GLN A 41 -3.45 20.97 -6.70
CA GLN A 41 -4.26 21.31 -5.54
C GLN A 41 -5.27 22.41 -5.90
N GLU A 42 -4.86 23.39 -6.68
CA GLU A 42 -5.78 24.43 -7.10
C GLU A 42 -6.90 23.87 -7.97
N SER A 43 -6.59 22.91 -8.84
CA SER A 43 -7.63 22.30 -9.67
C SER A 43 -8.62 21.52 -8.81
N LEU A 44 -8.11 20.76 -7.84
CA LEU A 44 -9.01 20.01 -6.97
C LEU A 44 -9.87 20.95 -6.14
N LEU A 45 -9.29 22.04 -5.64
CA LEU A 45 -10.05 23.01 -4.87
C LEU A 45 -11.10 23.71 -5.75
N PHE A 46 -10.77 23.96 -7.01
CA PHE A 46 -11.76 24.54 -7.92
C PHE A 46 -12.93 23.60 -8.17
N LEU A 47 -12.64 22.30 -8.32
CA LEU A 47 -13.73 21.34 -8.46
C LEU A 47 -14.57 21.30 -7.18
N GLY A 48 -13.92 21.35 -6.03
CA GLY A 48 -14.65 21.35 -4.77
C GLY A 48 -15.55 22.56 -4.60
N VAL A 49 -15.04 23.75 -4.94
CA VAL A 49 -15.87 24.95 -4.83
C VAL A 49 -16.93 24.99 -5.91
N LEU A 50 -16.71 24.34 -7.06
CA LEU A 50 -17.78 24.20 -8.03
C LEU A 50 -18.91 23.35 -7.47
N ALA A 51 -18.57 22.25 -6.80
CA ALA A 51 -19.60 21.45 -6.15
C ALA A 51 -20.28 22.23 -5.04
N ALA A 52 -19.53 23.05 -4.31
CA ALA A 52 -20.13 23.91 -3.29
C ALA A 52 -21.09 24.92 -3.90
N ILE A 53 -20.75 25.44 -5.09
CA ILE A 53 -21.65 26.34 -5.79
C ILE A 53 -22.90 25.60 -6.24
N GLY A 54 -22.74 24.32 -6.62
CA GLY A 54 -23.91 23.50 -6.89
C GLY A 54 -24.81 23.35 -5.68
N LEU A 55 -24.20 23.14 -4.51
CA LEU A 55 -24.98 23.11 -3.27
C LEU A 55 -25.68 24.45 -3.02
N GLY A 56 -24.98 25.55 -3.29
CA GLY A 56 -25.59 26.86 -3.09
C GLY A 56 -26.78 27.09 -4.00
N LEU A 57 -26.67 26.71 -5.27
CA LEU A 57 -27.80 26.84 -6.16
C LEU A 57 -28.94 25.91 -5.76
N ASN A 58 -28.61 24.72 -5.25
CA ASN A 58 -29.66 23.84 -4.73
C ASN A 58 -30.39 24.49 -3.56
N LEU A 59 -29.66 25.11 -2.64
CA LEU A 59 -30.30 25.69 -1.46
C LEU A 59 -31.10 26.93 -1.83
N ILE A 60 -30.63 27.73 -2.80
CA ILE A 60 -31.44 28.87 -3.21
C ILE A 60 -32.65 28.40 -3.99
N PHE A 61 -32.55 27.28 -4.71
CA PHE A 61 -33.73 26.69 -5.34
C PHE A 61 -34.74 26.27 -4.27
N LEU A 62 -34.26 25.67 -3.19
CA LEU A 62 -35.15 25.32 -2.09
C LEU A 62 -35.80 26.55 -1.50
N THR A 63 -35.03 27.62 -1.32
CA THR A 63 -35.58 28.86 -0.76
C THR A 63 -36.65 29.45 -1.67
N VAL A 64 -36.38 29.50 -2.97
CA VAL A 64 -37.37 30.08 -3.88
C VAL A 64 -38.61 29.21 -3.93
N TYR A 65 -38.46 27.89 -3.87
CA TYR A 65 -39.63 27.02 -3.83
C TYR A 65 -40.46 27.26 -2.58
N LEU A 66 -39.81 27.38 -1.42
CA LEU A 66 -40.56 27.59 -0.20
C LEU A 66 -41.27 28.94 -0.19
N VAL A 67 -40.60 29.99 -0.68
CA VAL A 67 -41.26 31.30 -0.71
C VAL A 67 -42.40 31.29 -1.73
N CYS A 68 -42.23 30.57 -2.84
CA CYS A 68 -43.31 30.47 -3.82
C CYS A 68 -44.51 29.75 -3.23
N THR A 69 -44.28 28.66 -2.49
CA THR A 69 -45.40 27.92 -1.91
C THR A 69 -46.01 28.62 -0.70
N CYS A 70 -45.27 29.52 -0.06
CA CYS A 70 -45.83 30.34 1.01
C CYS A 70 -46.39 31.66 0.52
N CYS A 71 -46.22 31.99 -0.76
CA CYS A 71 -46.74 33.24 -1.29
C CYS A 71 -48.27 33.25 -1.28
N CYS A 72 -48.88 32.15 -1.71
CA CYS A 72 -50.34 32.07 -1.78
C CYS A 72 -50.82 30.67 -1.42
N VAL A 88 -50.91 12.44 -4.94
CA VAL A 88 -49.82 13.23 -4.39
C VAL A 88 -48.85 12.35 -3.63
N THR A 89 -49.34 11.17 -3.20
CA THR A 89 -48.49 10.22 -2.49
C THR A 89 -47.41 9.64 -3.40
N TRP A 90 -47.59 9.74 -4.72
CA TRP A 90 -46.64 9.16 -5.65
C TRP A 90 -45.26 9.80 -5.50
N THR A 91 -45.21 11.13 -5.35
CA THR A 91 -43.93 11.81 -5.22
C THR A 91 -43.20 11.39 -3.95
N ALA A 92 -43.93 11.31 -2.83
CA ALA A 92 -43.31 10.90 -1.58
C ALA A 92 -42.82 9.45 -1.64
N VAL A 93 -43.60 8.57 -2.25
CA VAL A 93 -43.20 7.17 -2.39
C VAL A 93 -41.95 7.07 -3.26
N VAL A 94 -41.92 7.81 -4.36
CA VAL A 94 -40.74 7.80 -5.24
C VAL A 94 -39.53 8.34 -4.49
N ALA A 95 -39.72 9.38 -3.68
CA ALA A 95 -38.61 9.92 -2.89
C ALA A 95 -38.08 8.90 -1.90
N GLY A 96 -38.98 8.18 -1.22
CA GLY A 96 -38.54 7.16 -0.28
C GLY A 96 -37.79 6.03 -0.97
N LEU A 97 -38.33 5.55 -2.10
CA LEU A 97 -37.65 4.50 -2.84
C LEU A 97 -36.28 4.96 -3.34
N LEU A 98 -36.21 6.21 -3.82
CA LEU A 98 -34.95 6.75 -4.30
C LEU A 98 -33.92 6.88 -3.18
N CYS A 99 -34.35 7.34 -2.00
CA CYS A 99 -33.40 7.45 -0.90
C CYS A 99 -32.95 6.08 -0.41
N CYS A 100 -33.85 5.09 -0.41
CA CYS A 100 -33.44 3.74 -0.04
C CYS A 100 -32.43 3.19 -1.04
N ALA A 101 -32.69 3.37 -2.34
CA ALA A 101 -31.74 2.93 -3.35
C ALA A 101 -30.40 3.65 -3.20
N ALA A 102 -30.45 4.95 -2.90
CA ALA A 102 -29.23 5.73 -2.73
C ALA A 102 -28.41 5.20 -1.57
N VAL A 103 -29.05 4.99 -0.42
CA VAL A 103 -28.29 4.51 0.75
C VAL A 103 -27.76 3.11 0.48
N GLY A 104 -28.52 2.26 -0.23
CA GLY A 104 -28.03 0.93 -0.54
C GLY A 104 -26.82 0.95 -1.45
N VAL A 105 -26.88 1.74 -2.53
CA VAL A 105 -25.75 1.79 -3.45
C VAL A 105 -24.55 2.45 -2.78
N GLY A 106 -24.78 3.41 -1.88
CA GLY A 106 -23.68 3.99 -1.14
C GLY A 106 -23.04 3.00 -0.19
N PHE A 107 -23.84 2.16 0.46
CA PHE A 107 -23.27 1.11 1.30
C PHE A 107 -22.46 0.13 0.46
N TYR A 108 -22.96 -0.21 -0.73
CA TYR A 108 -22.19 -1.05 -1.64
C TYR A 108 -20.85 -0.40 -1.99
N GLY A 109 -20.88 0.89 -2.30
CA GLY A 109 -19.64 1.58 -2.63
C GLY A 109 -18.67 1.64 -1.47
N ASN A 110 -19.17 1.89 -0.27
CA ASN A 110 -18.29 1.93 0.90
C ASN A 110 -17.69 0.56 1.17
N SER A 111 -18.47 -0.50 1.04
CA SER A 111 -17.91 -1.84 1.21
C SER A 111 -16.86 -2.11 0.14
N GLU A 112 -17.11 -1.67 -1.10
CA GLU A 112 -16.16 -1.90 -2.17
C GLU A 112 -14.84 -1.19 -1.90
N THR A 113 -14.90 0.07 -1.46
CA THR A 113 -13.66 0.80 -1.18
C THR A 113 -12.98 0.27 0.07
N ASN A 114 -13.75 -0.23 1.04
CA ASN A 114 -13.14 -0.90 2.19
C ASN A 114 -12.35 -2.13 1.74
N ASP A 115 -12.94 -2.94 0.88
CA ASP A 115 -12.24 -4.12 0.39
C ASP A 115 -11.01 -3.72 -0.42
N GLY A 116 -11.12 -2.66 -1.22
CA GLY A 116 -9.98 -2.22 -2.00
C GLY A 116 -8.82 -1.76 -1.14
N MET A 117 -9.13 -0.94 -0.13
CA MET A 117 -8.07 -0.50 0.78
C MET A 117 -7.51 -1.67 1.57
N HIS A 118 -8.36 -2.65 1.92
CA HIS A 118 -7.88 -3.81 2.64
C HIS A 118 -6.90 -4.62 1.81
N GLN A 119 -7.21 -4.83 0.53
CA GLN A 119 -6.27 -5.59 -0.31
C GLN A 119 -5.03 -4.78 -0.62
N LEU A 120 -5.14 -3.44 -0.68
CA LEU A 120 -3.92 -2.63 -0.81
C LEU A 120 -3.03 -2.81 0.40
N ILE A 121 -3.61 -2.78 1.60
CA ILE A 121 -2.82 -2.98 2.80
C ILE A 121 -2.24 -4.39 2.84
N TYR A 122 -2.99 -5.37 2.34
CA TYR A 122 -2.46 -6.73 2.25
C TYR A 122 -1.25 -6.81 1.33
N SER A 123 -1.32 -6.15 0.17
CA SER A 123 -0.18 -6.13 -0.75
C SER A 123 1.01 -5.43 -0.12
N LEU A 124 0.76 -4.32 0.58
CA LEU A 124 1.85 -3.66 1.30
C LEU A 124 2.44 -4.56 2.36
N ASP A 125 1.61 -5.34 3.05
CA ASP A 125 2.12 -6.27 4.04
C ASP A 125 2.99 -7.33 3.40
N ASN A 126 2.58 -7.86 2.25
CA ASN A 126 3.42 -8.83 1.54
C ASN A 126 4.75 -8.22 1.13
N ALA A 127 4.73 -6.99 0.63
CA ALA A 127 5.98 -6.33 0.26
C ALA A 127 6.87 -6.11 1.48
N ASN A 128 6.27 -5.69 2.60
CA ASN A 128 7.02 -5.53 3.84
C ASN A 128 7.68 -6.85 4.23
N HIS A 129 6.92 -7.94 4.16
CA HIS A 129 7.48 -9.24 4.50
C HIS A 129 8.63 -9.61 3.58
N THR A 130 8.48 -9.36 2.28
CA THR A 130 9.52 -9.75 1.33
C THR A 130 10.80 -8.96 1.54
N PHE A 131 10.69 -7.65 1.70
CA PHE A 131 11.89 -6.86 1.94
C PHE A 131 12.49 -7.14 3.32
N SER A 132 11.66 -7.41 4.32
CA SER A 132 12.20 -7.79 5.62
C SER A 132 12.96 -9.09 5.54
N GLY A 133 12.44 -10.06 4.78
CA GLY A 133 13.15 -11.31 4.60
C GLY A 133 14.46 -11.13 3.84
N MET A 134 14.45 -10.31 2.80
CA MET A 134 15.68 -10.00 2.09
C MET A 134 16.72 -9.38 3.02
N ASP A 135 16.28 -8.41 3.83
CA ASP A 135 17.19 -7.74 4.76
C ASP A 135 17.75 -8.72 5.79
N GLU A 136 16.88 -9.56 6.35
CA GLU A 136 17.35 -10.54 7.33
C GLU A 136 18.32 -11.52 6.69
N LEU A 137 18.04 -11.98 5.47
CA LEU A 137 18.94 -12.92 4.82
C LEU A 137 20.31 -12.30 4.57
N VAL A 138 20.34 -11.06 4.06
CA VAL A 138 21.62 -10.45 3.75
C VAL A 138 22.40 -10.16 5.03
N SER A 139 21.72 -9.67 6.07
CA SER A 139 22.40 -9.39 7.33
C SER A 139 22.94 -10.66 7.95
N ALA A 140 22.14 -11.75 7.94
CA ALA A 140 22.61 -13.01 8.49
C ALA A 140 23.77 -13.56 7.69
N ASN A 141 23.74 -13.44 6.36
CA ASN A 141 24.84 -13.92 5.55
C ASN A 141 26.12 -13.15 5.86
N THR A 142 26.02 -11.83 5.99
CA THR A 142 27.20 -11.04 6.35
C THR A 142 27.73 -11.43 7.73
N GLN A 143 26.83 -11.55 8.70
CA GLN A 143 27.24 -11.83 10.08
C GLN A 143 27.91 -13.20 10.15
N ARG A 144 27.29 -14.20 9.51
CA ARG A 144 27.87 -15.54 9.51
C ARG A 144 29.17 -15.57 8.73
N MET A 145 29.31 -14.75 7.67
CA MET A 145 30.57 -14.73 6.93
C MET A 145 31.69 -14.16 7.79
N LYS A 146 31.41 -13.10 8.55
CA LYS A 146 32.41 -12.57 9.46
C LYS A 146 32.78 -13.58 10.54
N VAL A 147 31.77 -14.27 11.09
CA VAL A 147 32.04 -15.31 12.07
C VAL A 147 32.88 -16.41 11.45
N ASP A 148 32.62 -16.73 10.18
CA ASP A 148 33.35 -17.79 9.51
C ASP A 148 34.81 -17.39 9.32
N LEU A 149 35.04 -16.13 8.96
CA LEU A 149 36.41 -15.63 8.85
C LEU A 149 37.13 -15.74 10.19
N GLU A 150 36.49 -15.30 11.27
CA GLU A 150 37.18 -15.32 12.56
C GLU A 150 37.43 -16.74 13.03
N GLN A 151 36.48 -17.65 12.84
CA GLN A 151 36.69 -19.03 13.27
C GLN A 151 37.70 -19.76 12.41
N HIS A 152 37.75 -19.44 11.11
CA HIS A 152 38.81 -19.98 10.26
C HIS A 152 40.17 -19.49 10.72
N LEU A 153 40.27 -18.20 11.06
CA LEU A 153 41.54 -17.69 11.59
C LEU A 153 41.92 -18.42 12.87
N ALA A 154 40.94 -18.64 13.76
CA ALA A 154 41.22 -19.34 15.01
C ALA A 154 41.73 -20.76 14.74
N ARG A 155 41.01 -21.53 13.91
CA ARG A 155 41.40 -22.92 13.71
C ARG A 155 42.70 -23.04 12.93
N LEU A 156 43.00 -22.09 12.04
CA LEU A 156 44.29 -22.13 11.37
C LEU A 156 45.42 -21.80 12.34
N SER A 157 45.25 -20.77 13.16
CA SER A 157 46.28 -20.42 14.13
C SER A 157 46.50 -21.55 15.13
N GLU A 158 45.46 -22.32 15.44
CA GLU A 158 45.61 -23.41 16.38
C GLU A 158 46.55 -24.50 15.85
N ILE A 159 46.46 -24.81 14.56
CA ILE A 159 47.11 -26.01 14.04
C ILE A 159 48.16 -25.68 12.97
N ILE A 160 47.75 -25.03 11.89
CA ILE A 160 48.64 -24.91 10.74
C ILE A 160 49.77 -23.92 11.03
N ALA A 161 49.61 -23.09 12.06
CA ALA A 161 50.67 -22.15 12.42
C ALA A 161 51.98 -22.86 12.77
N ALA A 162 51.91 -24.13 13.18
CA ALA A 162 53.13 -24.88 13.46
C ALA A 162 53.95 -25.07 12.19
N ARG A 163 53.29 -25.37 11.07
CA ARG A 163 53.98 -25.58 9.80
C ARG A 163 54.17 -24.27 9.03
N GLY A 164 53.09 -23.52 8.86
CA GLY A 164 53.18 -22.25 8.15
C GLY A 164 53.57 -22.36 6.69
N ASP A 165 53.02 -23.34 5.98
CA ASP A 165 53.27 -23.52 4.56
C ASP A 165 52.11 -23.11 3.67
N TYR A 166 50.87 -23.27 4.14
CA TYR A 166 49.69 -22.87 3.40
C TYR A 166 49.26 -21.44 3.74
N ILE A 167 50.20 -20.60 4.17
CA ILE A 167 49.89 -19.21 4.45
C ILE A 167 49.44 -18.50 3.19
N GLN A 168 49.99 -18.88 2.03
CA GLN A 168 49.53 -18.32 0.76
C GLN A 168 48.07 -18.67 0.50
N THR A 169 47.69 -19.93 0.76
CA THR A 169 46.31 -20.33 0.59
C THR A 169 45.40 -19.56 1.53
N LEU A 170 45.82 -19.41 2.79
CA LEU A 170 45.02 -18.68 3.76
C LEU A 170 44.82 -17.23 3.33
N LYS A 171 45.89 -16.59 2.86
CA LYS A 171 45.77 -15.24 2.32
C LYS A 171 44.81 -15.21 1.14
N PHE A 172 44.85 -16.24 0.30
CA PHE A 172 43.94 -16.28 -0.85
C PHE A 172 42.49 -16.36 -0.40
N MET A 173 42.18 -17.27 0.53
CA MET A 173 40.81 -17.34 1.03
C MET A 173 40.39 -16.01 1.65
N GLN A 174 41.28 -15.38 2.42
CA GLN A 174 40.95 -14.08 2.99
C GLN A 174 40.63 -13.06 1.90
N GLN A 175 41.43 -13.04 0.83
CA GLN A 175 41.27 -11.99 -0.18
C GLN A 175 39.98 -12.18 -0.98
N MET A 176 39.66 -13.40 -1.43
CA MET A 176 38.40 -13.44 -2.16
C MET A 176 37.20 -13.52 -1.24
N ALA A 177 37.38 -13.82 0.04
CA ALA A 177 36.29 -13.62 0.99
C ALA A 177 35.97 -12.14 1.12
N GLY A 178 37.01 -11.30 1.21
CA GLY A 178 36.78 -9.87 1.20
C GLY A 178 36.16 -9.40 -0.11
N ASN A 179 36.57 -10.01 -1.23
CA ASN A 179 35.95 -9.68 -2.51
C ASN A 179 34.46 -10.02 -2.51
N VAL A 180 34.11 -11.17 -1.93
CA VAL A 180 32.70 -11.56 -1.83
C VAL A 180 31.94 -10.57 -0.95
N VAL A 181 32.55 -10.16 0.16
CA VAL A 181 31.91 -9.17 1.03
C VAL A 181 31.66 -7.87 0.28
N SER A 182 32.66 -7.41 -0.48
CA SER A 182 32.49 -6.18 -1.25
C SER A 182 31.40 -6.34 -2.31
N GLN A 183 31.37 -7.48 -2.99
CA GLN A 183 30.36 -7.69 -4.03
C GLN A 183 28.95 -7.73 -3.44
N LEU A 184 28.78 -8.37 -2.29
CA LEU A 184 27.47 -8.40 -1.65
C LEU A 184 27.10 -7.06 -1.04
N SER A 185 28.09 -6.22 -0.72
CA SER A 185 27.79 -4.88 -0.28
C SER A 185 27.13 -4.05 -1.38
N GLY A 186 27.26 -4.46 -2.64
CA GLY A 186 26.62 -3.76 -3.74
C GLY A 186 25.14 -4.01 -3.89
N LEU A 187 24.58 -4.95 -3.12
CA LEU A 187 23.15 -5.19 -3.16
C LEU A 187 22.39 -4.00 -2.56
N PRO A 188 21.17 -3.75 -3.02
CA PRO A 188 20.41 -2.60 -2.52
C PRO A 188 19.74 -2.92 -1.19
N VAL A 189 20.18 -2.23 -0.14
CA VAL A 189 19.56 -2.38 1.18
C VAL A 189 18.14 -1.85 1.11
N TRP A 190 17.22 -2.52 1.81
CA TRP A 190 15.80 -2.23 1.71
C TRP A 190 15.21 -1.75 3.03
N ARG A 191 16.02 -1.10 3.87
CA ARG A 191 15.48 -0.65 5.15
C ARG A 191 14.58 0.56 4.98
N GLU A 192 14.97 1.53 4.14
CA GLU A 192 14.21 2.76 4.01
C GLU A 192 12.86 2.52 3.36
N VAL A 193 12.80 1.65 2.36
CA VAL A 193 11.52 1.35 1.73
C VAL A 193 10.59 0.68 2.72
N THR A 194 11.12 -0.21 3.57
CA THR A 194 10.28 -0.82 4.60
C THR A 194 9.75 0.23 5.57
N THR A 195 10.59 1.16 6.01
CA THR A 195 10.12 2.18 6.94
C THR A 195 9.03 3.05 6.31
N GLN A 196 9.26 3.51 5.07
CA GLN A 196 8.26 4.38 4.45
C GLN A 196 6.98 3.61 4.13
N LEU A 197 7.10 2.33 3.79
CA LEU A 197 5.90 1.55 3.48
C LEU A 197 5.11 1.26 4.75
N THR A 198 5.79 1.02 5.87
CA THR A 198 5.09 0.87 7.13
C THR A 198 4.39 2.16 7.54
N LYS A 199 5.06 3.30 7.32
CA LYS A 199 4.40 4.58 7.60
C LYS A 199 3.16 4.76 6.75
N LEU A 200 3.25 4.44 5.46
CA LEU A 200 2.10 4.57 4.58
C LEU A 200 0.99 3.60 4.99
N SER A 201 1.36 2.39 5.41
CA SER A 201 0.37 1.43 5.87
C SER A 201 -0.35 1.93 7.11
N HIS A 202 0.39 2.49 8.07
CA HIS A 202 -0.25 3.07 9.25
C HIS A 202 -1.19 4.20 8.86
N GLN A 203 -0.73 5.09 7.97
CA GLN A 203 -1.56 6.22 7.57
C GLN A 203 -2.85 5.75 6.90
N THR A 204 -2.74 4.77 5.99
CA THR A 204 -3.93 4.31 5.30
C THR A 204 -4.86 3.54 6.22
N ALA A 205 -4.31 2.81 7.20
CA ALA A 205 -5.17 2.15 8.18
C ALA A 205 -5.96 3.17 8.97
N TYR A 206 -5.29 4.22 9.45
CA TYR A 206 -6.00 5.27 10.19
C TYR A 206 -7.04 5.94 9.33
N VAL A 207 -6.69 6.28 8.08
CA VAL A 207 -7.61 6.99 7.21
C VAL A 207 -8.83 6.12 6.89
N GLU A 208 -8.61 4.83 6.61
CA GLU A 208 -9.72 3.97 6.29
C GLU A 208 -10.62 3.74 7.50
N TYR A 209 -10.04 3.62 8.70
CA TYR A 209 -10.87 3.50 9.89
C TYR A 209 -11.72 4.74 10.08
N TYR A 210 -11.12 5.93 9.95
CA TYR A 210 -11.88 7.17 10.10
C TYR A 210 -12.99 7.25 9.07
N ARG A 211 -12.69 6.97 7.81
CA ARG A 211 -13.71 7.05 6.77
C ARG A 211 -14.81 6.04 7.00
N TRP A 212 -14.44 4.81 7.39
CA TRP A 212 -15.45 3.79 7.63
C TRP A 212 -16.41 4.24 8.72
N LEU A 213 -15.86 4.72 9.84
CA LEU A 213 -16.70 5.17 10.94
C LEU A 213 -17.58 6.34 10.53
N SER A 214 -16.99 7.35 9.87
CA SER A 214 -17.75 8.54 9.52
C SER A 214 -18.88 8.22 8.56
N TYR A 215 -18.61 7.37 7.56
CA TYR A 215 -19.65 7.12 6.59
C TYR A 215 -20.71 6.17 7.11
N LEU A 216 -20.37 5.22 7.98
CA LEU A 216 -21.44 4.48 8.65
C LEU A 216 -22.25 5.39 9.55
N LEU A 217 -21.63 6.40 10.16
CA LEU A 217 -22.41 7.41 10.87
C LEU A 217 -23.38 8.10 9.91
N LEU A 218 -22.92 8.42 8.70
CA LEU A 218 -23.80 9.05 7.72
C LEU A 218 -24.95 8.13 7.33
N PHE A 219 -24.67 6.85 7.10
CA PHE A 219 -25.74 5.90 6.79
C PHE A 219 -26.75 5.81 7.93
N ILE A 220 -26.25 5.76 9.17
CA ILE A 220 -27.14 5.68 10.33
C ILE A 220 -28.02 6.91 10.41
N LEU A 221 -27.43 8.09 10.18
CA LEU A 221 -28.20 9.32 10.23
C LEU A 221 -29.26 9.34 9.14
N ASP A 222 -28.92 8.88 7.93
CA ASP A 222 -29.90 8.85 6.85
C ASP A 222 -31.04 7.90 7.18
N LEU A 223 -30.72 6.72 7.72
CA LEU A 223 -31.77 5.78 8.10
C LEU A 223 -32.65 6.36 9.20
N VAL A 224 -32.06 7.06 10.17
CA VAL A 224 -32.83 7.66 11.24
C VAL A 224 -33.75 8.74 10.70
N ILE A 225 -33.27 9.53 9.74
CA ILE A 225 -34.12 10.55 9.13
C ILE A 225 -35.27 9.91 8.37
N CYS A 226 -35.01 8.82 7.66
CA CYS A 226 -36.09 8.12 6.98
C CYS A 226 -37.12 7.59 7.98
N LEU A 227 -36.65 7.01 9.09
CA LEU A 227 -37.56 6.47 10.09
C LEU A 227 -38.39 7.56 10.75
N VAL A 228 -37.76 8.71 11.06
CA VAL A 228 -38.52 9.79 11.69
C VAL A 228 -39.49 10.41 10.68
N THR A 229 -39.14 10.41 9.39
CA THR A 229 -40.08 10.85 8.37
C THR A 229 -41.31 9.94 8.34
N CYS A 230 -41.09 8.62 8.39
CA CYS A 230 -42.20 7.69 8.40
C CYS A 230 -43.05 7.87 9.66
N LEU A 231 -42.40 8.06 10.81
CA LEU A 231 -43.13 8.25 12.06
C LEU A 231 -43.93 9.55 12.04
N GLY A 232 -43.38 10.60 11.45
CA GLY A 232 -44.13 11.84 11.31
C GLY A 232 -45.30 11.68 10.33
N LEU A 233 -45.12 10.89 9.29
CA LEU A 233 -46.21 10.61 8.36
C LEU A 233 -47.35 9.88 9.06
N ALA A 234 -47.02 8.91 9.91
CA ALA A 234 -48.05 8.13 10.58
C ALA A 234 -48.68 8.89 11.74
N ARG A 235 -47.87 9.23 12.75
CA ARG A 235 -48.34 9.96 13.91
C ARG A 235 -48.63 11.41 13.54
N ARG A 236 -49.55 12.03 14.28
CA ARG A 236 -49.90 13.43 14.06
C ARG A 236 -48.64 14.27 14.19
N SER A 237 -48.44 15.19 13.24
CA SER A 237 -47.25 16.01 13.19
C SER A 237 -47.05 16.84 14.45
N LYS A 238 -45.99 16.55 15.20
CA LYS A 238 -45.61 17.32 16.37
C LYS A 238 -44.63 18.41 15.94
N CYS A 239 -44.20 19.24 16.89
CA CYS A 239 -43.17 20.23 16.61
C CYS A 239 -41.83 19.58 16.27
N LEU A 240 -41.68 18.28 16.56
CA LEU A 240 -40.45 17.59 16.20
C LEU A 240 -40.26 17.52 14.69
N LEU A 241 -41.35 17.44 13.93
CA LEU A 241 -41.22 17.51 12.47
C LEU A 241 -40.81 18.89 11.99
N ALA A 242 -41.01 19.93 12.81
CA ALA A 242 -40.45 21.23 12.50
C ALA A 242 -39.00 21.36 12.97
N SER A 243 -38.63 20.60 14.00
CA SER A 243 -37.26 20.60 14.47
C SER A 243 -36.33 19.83 13.52
N MET A 244 -36.80 18.72 12.96
CA MET A 244 -35.94 17.89 12.11
C MET A 244 -35.72 18.50 10.74
N LEU A 245 -36.45 19.55 10.37
CA LEU A 245 -36.24 20.19 9.07
C LEU A 245 -34.83 20.76 8.97
N CYS A 246 -34.39 21.45 10.03
CA CYS A 246 -33.04 21.99 10.03
C CYS A 246 -31.99 20.88 10.01
N CYS A 247 -32.26 19.77 10.72
CA CYS A 247 -31.33 18.64 10.69
C CYS A 247 -31.23 18.05 9.29
N GLY A 248 -32.37 17.91 8.61
CA GLY A 248 -32.34 17.42 7.25
C GLY A 248 -31.63 18.36 6.30
N ILE A 249 -31.79 19.67 6.50
CA ILE A 249 -31.07 20.64 5.68
C ILE A 249 -29.57 20.52 5.91
N LEU A 250 -29.16 20.39 7.17
CA LEU A 250 -27.74 20.22 7.48
C LEU A 250 -27.20 18.92 6.87
N THR A 251 -28.02 17.87 6.88
CA THR A 251 -27.59 16.61 6.29
C THR A 251 -27.48 16.72 4.77
N LEU A 252 -28.36 17.53 4.16
CA LEU A 252 -28.21 17.84 2.73
C LEU A 252 -26.90 18.57 2.48
N ILE A 253 -26.56 19.54 3.33
CA ILE A 253 -25.29 20.25 3.18
C ILE A 253 -24.13 19.28 3.29
N LEU A 254 -24.20 18.37 4.26
CA LEU A 254 -23.15 17.36 4.42
C LEU A 254 -23.07 16.46 3.20
N SER A 255 -24.21 16.08 2.63
CA SER A 255 -24.20 15.23 1.45
C SER A 255 -23.53 15.93 0.27
N TRP A 256 -23.82 17.22 0.08
CA TRP A 256 -23.18 17.96 -1.01
C TRP A 256 -21.68 18.11 -0.76
N ALA A 257 -21.28 18.35 0.48
CA ALA A 257 -19.86 18.41 0.80
C ALA A 257 -19.18 17.07 0.54
N SER A 258 -19.88 15.98 0.84
CA SER A 258 -19.37 14.65 0.53
C SER A 258 -19.19 14.49 -0.97
N LEU A 259 -20.15 14.96 -1.76
CA LEU A 259 -20.00 14.92 -3.21
C LEU A 259 -18.76 15.69 -3.65
N ALA A 260 -18.55 16.87 -3.07
CA ALA A 260 -17.40 17.68 -3.44
C ALA A 260 -16.09 16.95 -3.15
N ALA A 261 -15.94 16.49 -1.91
CA ALA A 261 -14.70 15.81 -1.53
C ALA A 261 -14.54 14.52 -2.33
N ASP A 262 -15.64 13.83 -2.61
CA ASP A 262 -15.59 12.59 -3.37
C ASP A 262 -15.09 12.84 -4.80
N ALA A 263 -15.66 13.84 -5.46
CA ALA A 263 -15.20 14.15 -6.82
C ALA A 263 -13.74 14.56 -6.83
N ALA A 264 -13.34 15.38 -5.84
CA ALA A 264 -11.95 15.80 -5.77
C ALA A 264 -11.01 14.61 -5.61
N ALA A 265 -11.32 13.73 -4.65
CA ALA A 265 -10.48 12.56 -4.43
C ALA A 265 -10.46 11.65 -5.65
N ALA A 266 -11.60 11.48 -6.30
CA ALA A 266 -11.68 10.61 -7.46
C ALA A 266 -10.77 11.12 -8.57
N VAL A 267 -10.90 12.40 -8.92
CA VAL A 267 -10.08 12.94 -10.00
C VAL A 267 -8.61 12.90 -9.63
N GLY A 268 -8.28 13.26 -8.37
CA GLY A 268 -6.88 13.26 -7.96
C GLY A 268 -6.26 11.89 -8.05
N THR A 269 -6.93 10.87 -7.49
CA THR A 269 -6.37 9.53 -7.51
C THR A 269 -6.30 8.97 -8.93
N SER A 270 -7.33 9.22 -9.74
CA SER A 270 -7.30 8.73 -11.12
C SER A 270 -6.13 9.32 -11.88
N ASP A 271 -5.92 10.63 -11.76
CA ASP A 271 -4.81 11.25 -12.48
C ASP A 271 -3.46 10.79 -11.92
N PHE A 272 -3.37 10.61 -10.60
CA PHE A 272 -2.10 10.20 -10.02
C PHE A 272 -1.73 8.77 -10.41
N CYS A 273 -2.69 7.87 -10.51
CA CYS A 273 -2.36 6.50 -10.87
C CYS A 273 -2.62 6.19 -12.34
N MET A 274 -2.91 7.21 -13.16
CA MET A 274 -2.95 6.98 -14.60
C MET A 274 -1.59 6.54 -15.12
N ALA A 275 -0.54 7.26 -14.75
CA ALA A 275 0.84 6.90 -15.07
C ALA A 275 1.69 7.03 -13.80
N PRO A 276 1.45 6.15 -12.83
CA PRO A 276 2.12 6.32 -11.52
C PRO A 276 3.63 6.22 -11.58
N ASP A 277 4.17 5.44 -12.52
CA ASP A 277 5.58 5.10 -12.51
C ASP A 277 6.46 6.35 -12.38
N ILE A 278 6.09 7.43 -13.08
CA ILE A 278 6.83 8.68 -12.96
C ILE A 278 6.78 9.20 -11.52
N TYR A 279 5.60 9.11 -10.89
CA TYR A 279 5.47 9.58 -9.52
C TYR A 279 6.33 8.78 -8.56
N ILE A 280 6.33 7.45 -8.70
CA ILE A 280 7.16 6.63 -7.83
C ILE A 280 8.64 6.89 -8.08
N LEU A 281 9.03 7.10 -9.34
CA LEU A 281 10.42 7.46 -9.61
C LEU A 281 10.79 8.78 -8.94
N ASN A 282 9.91 9.77 -9.01
CA ASN A 282 10.24 11.09 -8.49
C ASN A 282 10.29 11.09 -6.97
N ASN A 283 9.26 10.55 -6.32
CA ASN A 283 9.15 10.68 -4.87
C ASN A 283 10.11 9.76 -4.12
N THR A 284 10.35 8.55 -4.63
CA THR A 284 11.14 7.56 -3.91
C THR A 284 12.51 7.31 -4.52
N GLY A 285 12.64 7.38 -5.84
CA GLY A 285 13.89 7.05 -6.49
C GLY A 285 14.97 8.09 -6.31
N SER A 286 15.48 8.24 -5.08
CA SER A 286 16.56 9.15 -4.78
C SER A 286 17.85 8.43 -4.42
N GLN A 287 17.81 7.54 -3.43
CA GLN A 287 18.97 6.75 -3.05
C GLN A 287 19.06 5.43 -3.82
N ILE A 288 18.09 5.15 -4.70
CA ILE A 288 18.11 3.97 -5.54
C ILE A 288 18.18 4.44 -6.99
N ASN A 289 19.10 3.84 -7.75
CA ASN A 289 19.27 4.23 -9.14
C ASN A 289 18.02 3.94 -9.95
N SER A 290 17.89 4.63 -11.08
CA SER A 290 16.66 4.57 -11.86
C SER A 290 16.46 3.20 -12.50
N GLU A 291 17.56 2.52 -12.87
CA GLU A 291 17.43 1.26 -13.58
C GLU A 291 16.77 0.18 -12.71
N VAL A 292 17.15 0.09 -11.44
CA VAL A 292 16.55 -0.90 -10.55
C VAL A 292 15.07 -0.62 -10.37
N THR A 293 14.72 0.65 -10.16
CA THR A 293 13.31 1.01 -9.98
C THR A 293 12.51 0.68 -11.23
N ARG A 294 13.04 1.00 -12.41
CA ARG A 294 12.33 0.68 -13.64
C ARG A 294 12.19 -0.82 -13.83
N TYR A 295 13.23 -1.57 -13.47
CA TYR A 295 13.14 -3.03 -13.48
C TYR A 295 11.99 -3.52 -12.63
N TYR A 296 11.93 -3.08 -11.38
CA TYR A 296 10.87 -3.55 -10.48
C TYR A 296 9.50 -3.13 -10.97
N LEU A 297 9.35 -1.88 -11.41
CA LEU A 297 8.03 -1.39 -11.78
C LEU A 297 7.55 -2.02 -13.08
N HIS A 298 8.47 -2.34 -14.00
CA HIS A 298 8.11 -2.90 -15.31
C HIS A 298 9.07 -4.04 -15.61
N CYS A 299 8.67 -5.26 -15.21
CA CYS A 299 9.41 -6.46 -15.60
C CYS A 299 8.45 -7.58 -15.97
N SER A 300 7.39 -7.25 -16.72
CA SER A 300 6.55 -8.30 -17.29
C SER A 300 7.35 -9.23 -18.20
N GLN A 301 8.46 -8.74 -18.73
CA GLN A 301 9.43 -9.54 -19.45
C GLN A 301 10.81 -9.24 -18.86
N SER A 302 11.77 -10.10 -19.17
CA SER A 302 13.14 -9.83 -18.72
C SER A 302 13.75 -8.71 -19.56
N LEU A 303 13.58 -7.46 -19.11
CA LEU A 303 14.11 -6.33 -19.87
C LEU A 303 15.63 -6.35 -19.86
N ILE A 304 16.24 -6.16 -18.69
CA ILE A 304 17.69 -6.12 -18.58
C ILE A 304 18.19 -7.09 -17.52
N SER A 305 17.62 -7.02 -16.31
CA SER A 305 18.06 -7.81 -15.16
C SER A 305 19.58 -7.70 -14.99
N PRO A 306 20.10 -6.52 -14.63
CA PRO A 306 21.55 -6.29 -14.65
C PRO A 306 22.26 -6.77 -13.39
N PHE A 307 21.98 -8.01 -12.98
CA PHE A 307 22.58 -8.53 -11.76
C PHE A 307 23.00 -9.99 -11.84
N GLN A 308 22.89 -10.64 -13.00
CA GLN A 308 23.36 -12.01 -13.12
C GLN A 308 24.86 -12.13 -12.90
N GLN A 309 25.61 -11.04 -13.12
CA GLN A 309 27.04 -11.07 -12.88
C GLN A 309 27.35 -11.32 -11.40
N SER A 310 26.58 -10.70 -10.51
CA SER A 310 26.79 -10.91 -9.09
C SER A 310 26.52 -12.36 -8.70
N LEU A 311 25.41 -12.91 -9.19
CA LEU A 311 25.12 -14.30 -8.86
C LEU A 311 26.19 -15.24 -9.40
N THR A 312 26.67 -14.98 -10.62
CA THR A 312 27.73 -15.81 -11.17
C THR A 312 29.00 -15.72 -10.33
N THR A 313 29.36 -14.52 -9.88
CA THR A 313 30.61 -14.38 -9.15
C THR A 313 30.51 -15.03 -7.77
N PHE A 314 29.37 -14.89 -7.09
CA PHE A 314 29.20 -15.62 -5.82
C PHE A 314 29.21 -17.12 -6.04
N GLN A 315 28.55 -17.60 -7.09
CA GLN A 315 28.52 -19.04 -7.32
C GLN A 315 29.92 -19.58 -7.57
N ARG A 316 30.71 -18.90 -8.40
CA ARG A 316 32.06 -19.38 -8.66
C ARG A 316 32.95 -19.25 -7.44
N SER A 317 32.79 -18.18 -6.64
CA SER A 317 33.55 -18.06 -5.41
C SER A 317 33.25 -19.20 -4.46
N LEU A 318 31.96 -19.56 -4.32
CA LEU A 318 31.60 -20.66 -3.43
C LEU A 318 32.07 -22.00 -3.96
N THR A 319 32.07 -22.19 -5.28
CA THR A 319 32.64 -23.42 -5.83
C THR A 319 34.13 -23.52 -5.52
N THR A 320 34.85 -22.41 -5.67
CA THR A 320 36.26 -22.40 -5.29
C THR A 320 36.42 -22.70 -3.80
N MET A 321 35.52 -22.19 -2.97
CA MET A 321 35.57 -22.49 -1.55
C MET A 321 35.38 -23.97 -1.29
N GLN A 322 34.44 -24.60 -1.99
CA GLN A 322 34.26 -26.04 -1.86
C GLN A 322 35.52 -26.77 -2.27
N ILE A 323 36.15 -26.33 -3.36
CA ILE A 323 37.37 -27.00 -3.84
C ILE A 323 38.47 -26.90 -2.79
N GLN A 324 38.68 -25.72 -2.22
CA GLN A 324 39.76 -25.56 -1.26
C GLN A 324 39.45 -26.27 0.05
N VAL A 325 38.17 -26.31 0.45
CA VAL A 325 37.82 -27.08 1.63
C VAL A 325 38.10 -28.56 1.41
N GLY A 326 37.76 -29.09 0.23
CA GLY A 326 38.10 -30.46 -0.07
C GLY A 326 39.59 -30.70 -0.06
N GLY A 327 40.37 -29.72 -0.54
CA GLY A 327 41.81 -29.83 -0.46
C GLY A 327 42.31 -29.92 0.97
N LEU A 328 41.73 -29.10 1.86
CA LEU A 328 42.09 -29.19 3.28
C LEU A 328 41.68 -30.53 3.89
N LEU A 329 40.53 -31.06 3.48
CA LEU A 329 40.15 -32.40 3.95
C LEU A 329 41.18 -33.45 3.51
N GLN A 330 41.58 -33.42 2.23
CA GLN A 330 42.50 -34.44 1.75
C GLN A 330 43.94 -34.21 2.22
N PHE A 331 44.26 -33.00 2.69
CA PHE A 331 45.48 -32.78 3.46
C PHE A 331 45.31 -33.07 4.95
N ALA A 332 44.09 -33.28 5.42
CA ALA A 332 43.83 -33.51 6.83
C ALA A 332 43.87 -34.98 7.22
N VAL A 333 44.18 -35.87 6.28
CA VAL A 333 44.27 -37.30 6.61
C VAL A 333 45.33 -37.57 7.67
N PRO A 334 46.57 -37.05 7.57
CA PRO A 334 47.55 -37.30 8.62
C PRO A 334 47.43 -36.38 9.82
N LEU A 335 46.52 -35.42 9.80
CA LEU A 335 46.40 -34.46 10.89
C LEU A 335 45.41 -34.95 11.94
N PHE A 336 45.20 -34.14 12.97
CA PHE A 336 44.36 -34.54 14.09
C PHE A 336 42.88 -34.57 13.66
N PRO A 337 42.08 -35.43 14.29
CA PRO A 337 40.65 -35.48 13.96
C PRO A 337 39.89 -34.19 14.25
N THR A 338 40.42 -33.33 15.13
CA THR A 338 39.75 -32.05 15.38
C THR A 338 39.72 -31.20 14.12
N ALA A 339 40.80 -31.22 13.34
CA ALA A 339 40.82 -30.51 12.08
C ALA A 339 39.76 -31.06 11.12
N GLU A 340 39.62 -32.38 11.07
CA GLU A 340 38.62 -32.99 10.20
C GLU A 340 37.20 -32.60 10.63
N LYS A 341 36.95 -32.59 11.95
CA LYS A 341 35.64 -32.18 12.44
C LYS A 341 35.35 -30.73 12.09
N ASP A 342 36.33 -29.85 12.28
CA ASP A 342 36.14 -28.45 11.93
C ASP A 342 35.89 -28.28 10.43
N LEU A 343 36.62 -29.03 9.61
CA LEU A 343 36.44 -28.95 8.16
C LEU A 343 35.06 -29.44 7.74
N LEU A 344 34.58 -30.53 8.35
CA LEU A 344 33.24 -31.01 8.03
C LEU A 344 32.18 -30.00 8.45
N GLY A 345 32.37 -29.37 9.62
CA GLY A 345 31.47 -28.30 10.02
C GLY A 345 31.48 -27.15 9.03
N ILE A 346 32.66 -26.79 8.53
CA ILE A 346 32.77 -25.72 7.55
C ILE A 346 32.09 -26.13 6.24
N GLN A 347 32.16 -27.41 5.89
CA GLN A 347 31.48 -27.89 4.68
C GLN A 347 29.98 -27.76 4.80
N LEU A 348 29.43 -28.21 5.94
CA LEU A 348 27.99 -28.03 6.17
C LEU A 348 27.62 -26.55 6.21
N LEU A 349 28.51 -25.72 6.77
CA LEU A 349 28.34 -24.27 6.79
C LEU A 349 28.25 -23.70 5.39
N LEU A 350 29.16 -24.13 4.51
CA LEU A 350 29.13 -23.68 3.13
C LEU A 350 27.87 -24.14 2.43
N ASN A 351 27.40 -25.34 2.75
CA ASN A 351 26.13 -25.82 2.20
C ASN A 351 24.99 -24.91 2.62
N ASN A 352 24.95 -24.53 3.90
CA ASN A 352 23.92 -23.63 4.39
C ASN A 352 24.02 -22.26 3.72
N SER A 353 25.25 -21.76 3.53
CA SER A 353 25.43 -20.49 2.86
C SER A 353 24.94 -20.58 1.41
N GLU A 354 25.20 -21.69 0.75
CA GLU A 354 24.74 -21.88 -0.62
C GLU A 354 23.22 -21.89 -0.69
N ILE A 355 22.56 -22.61 0.21
CA ILE A 355 21.10 -22.63 0.18
C ILE A 355 20.52 -21.26 0.53
N SER A 356 21.18 -20.53 1.44
CA SER A 356 20.75 -19.17 1.73
C SER A 356 20.88 -18.28 0.51
N LEU A 357 21.97 -18.43 -0.25
CA LEU A 357 22.16 -17.65 -1.46
C LEU A 357 21.11 -18.00 -2.50
N HIS A 358 20.73 -19.28 -2.60
CA HIS A 358 19.65 -19.67 -3.50
C HIS A 358 18.33 -19.03 -3.08
N GLN A 359 18.04 -19.02 -1.78
CA GLN A 359 16.84 -18.33 -1.31
C GLN A 359 16.88 -16.85 -1.66
N LEU A 360 18.05 -16.23 -1.49
CA LEU A 360 18.21 -14.82 -1.82
C LEU A 360 17.94 -14.57 -3.29
N THR A 361 18.60 -15.33 -4.17
CA THR A 361 18.41 -15.11 -5.61
C THR A 361 16.99 -15.45 -6.04
N ALA A 362 16.31 -16.33 -5.32
CA ALA A 362 14.88 -16.50 -5.54
C ALA A 362 14.11 -15.24 -5.16
N MET A 363 14.53 -14.58 -4.08
CA MET A 363 13.82 -13.39 -3.61
C MET A 363 14.09 -12.17 -4.47
N LEU A 364 15.29 -12.04 -5.04
CA LEU A 364 15.57 -10.86 -5.86
C LEU A 364 14.81 -10.89 -7.18
N ASP A 365 14.45 -12.07 -7.67
CA ASP A 365 13.72 -12.16 -8.92
C ASP A 365 12.39 -11.42 -8.80
N CYS A 366 12.11 -10.56 -9.78
CA CYS A 366 11.05 -9.56 -9.62
C CYS A 366 9.66 -10.12 -9.85
N ARG A 367 9.48 -11.43 -9.97
CA ARG A 367 8.13 -11.97 -10.16
C ARG A 367 7.21 -11.58 -9.02
N GLY A 368 7.62 -11.89 -7.78
CA GLY A 368 6.75 -11.62 -6.65
C GLY A 368 6.54 -10.14 -6.39
N LEU A 369 7.61 -9.36 -6.44
CA LEU A 369 7.48 -7.93 -6.18
C LEU A 369 6.65 -7.24 -7.25
N HIS A 370 6.85 -7.63 -8.52
CA HIS A 370 6.05 -7.09 -9.60
C HIS A 370 4.59 -7.48 -9.46
N LYS A 371 4.32 -8.72 -9.04
CA LYS A 371 2.95 -9.14 -8.80
C LYS A 371 2.31 -8.30 -7.70
N ASP A 372 3.06 -8.04 -6.62
CA ASP A 372 2.56 -7.20 -5.55
C ASP A 372 2.27 -5.79 -6.06
N TYR A 373 3.17 -5.24 -6.87
CA TYR A 373 2.94 -3.92 -7.43
C TYR A 373 1.71 -3.87 -8.32
N LEU A 374 1.55 -4.87 -9.18
CA LEU A 374 0.39 -4.86 -10.08
C LEU A 374 -0.90 -5.00 -9.28
N ASP A 375 -0.89 -5.85 -8.25
CA ASP A 375 -2.06 -5.99 -7.39
C ASP A 375 -2.38 -4.66 -6.70
N ALA A 376 -1.36 -3.97 -6.18
CA ALA A 376 -1.60 -2.69 -5.53
C ALA A 376 -2.14 -1.65 -6.52
N LEU A 377 -1.55 -1.59 -7.71
CA LEU A 377 -1.98 -0.62 -8.71
C LEU A 377 -3.43 -0.86 -9.12
N THR A 378 -3.78 -2.12 -9.40
CA THR A 378 -5.14 -2.41 -9.80
C THR A 378 -6.11 -2.16 -8.65
N GLY A 379 -5.72 -2.53 -7.42
CA GLY A 379 -6.60 -2.33 -6.29
C GLY A 379 -6.78 -0.88 -5.93
N ILE A 380 -5.82 -0.02 -6.30
CA ILE A 380 -6.01 1.40 -6.11
C ILE A 380 -6.92 1.90 -7.22
N CYS A 381 -6.45 1.89 -8.46
CA CYS A 381 -7.25 2.52 -9.51
C CYS A 381 -8.56 1.79 -9.73
N TYR A 382 -8.50 0.56 -10.25
CA TYR A 382 -9.69 -0.11 -10.76
C TYR A 382 -10.71 -0.42 -9.69
N ASP A 383 -10.35 -0.31 -8.41
CA ASP A 383 -11.27 -0.57 -7.32
C ASP A 383 -11.69 0.71 -6.61
N GLY A 384 -10.73 1.49 -6.11
CA GLY A 384 -11.09 2.71 -5.41
C GLY A 384 -11.80 3.71 -6.29
N ILE A 385 -11.37 3.85 -7.54
CA ILE A 385 -12.03 4.82 -8.42
C ILE A 385 -13.49 4.45 -8.62
N GLU A 386 -13.76 3.17 -8.90
CA GLU A 386 -15.15 2.77 -9.14
C GLU A 386 -16.00 2.87 -7.87
N GLY A 387 -15.45 2.45 -6.74
CA GLY A 387 -16.22 2.56 -5.49
C GLY A 387 -16.49 4.00 -5.10
N LEU A 388 -15.49 4.85 -5.27
CA LEU A 388 -15.62 6.25 -4.88
C LEU A 388 -16.55 6.99 -5.84
N LEU A 389 -16.55 6.61 -7.12
CA LEU A 389 -17.55 7.14 -8.05
C LEU A 389 -18.96 6.70 -7.67
N PHE A 390 -19.11 5.43 -7.28
CA PHE A 390 -20.41 4.98 -6.79
C PHE A 390 -20.84 5.80 -5.58
N LEU A 391 -19.88 6.17 -4.73
CA LEU A 391 -20.19 7.03 -3.60
C LEU A 391 -20.60 8.43 -4.05
N GLY A 392 -20.02 8.92 -5.15
CA GLY A 392 -20.48 10.17 -5.72
C GLY A 392 -21.92 10.10 -6.18
N LEU A 393 -22.29 9.00 -6.83
CA LEU A 393 -23.70 8.80 -7.18
C LEU A 393 -24.57 8.71 -5.93
N PHE A 394 -24.05 8.09 -4.86
CA PHE A 394 -24.72 8.15 -3.57
C PHE A 394 -25.03 9.58 -3.18
N SER A 395 -24.01 10.43 -3.21
CA SER A 395 -24.20 11.80 -2.73
C SER A 395 -25.21 12.55 -3.59
N LEU A 396 -25.12 12.37 -4.92
CA LEU A 396 -26.06 13.03 -5.81
C LEU A 396 -27.49 12.58 -5.54
N LEU A 397 -27.69 11.26 -5.42
CA LEU A 397 -29.04 10.73 -5.22
C LEU A 397 -29.59 11.15 -3.85
N ALA A 398 -28.73 11.18 -2.82
CA ALA A 398 -29.18 11.63 -1.51
C ALA A 398 -29.55 13.09 -1.52
N ALA A 399 -28.78 13.92 -2.25
CA ALA A 399 -29.15 15.31 -2.39
C ALA A 399 -30.49 15.46 -3.07
N LEU A 400 -30.72 14.68 -4.14
CA LEU A 400 -32.01 14.73 -4.81
C LEU A 400 -33.14 14.28 -3.89
N ALA A 401 -32.88 13.25 -3.08
CA ALA A 401 -33.90 12.75 -2.16
C ALA A 401 -34.27 13.79 -1.11
N PHE A 402 -33.27 14.45 -0.52
CA PHE A 402 -33.57 15.51 0.43
C PHE A 402 -34.30 16.66 -0.24
N SER A 403 -33.94 16.97 -1.49
CA SER A 403 -34.67 17.99 -2.23
C SER A 403 -36.14 17.62 -2.35
N THR A 404 -36.43 16.36 -2.69
CA THR A 404 -37.81 15.93 -2.83
C THR A 404 -38.56 15.97 -1.50
N LEU A 405 -37.90 15.53 -0.42
CA LEU A 405 -38.56 15.58 0.89
C LEU A 405 -38.86 17.01 1.31
N THR A 406 -37.93 17.94 1.06
CA THR A 406 -38.23 19.35 1.33
C THR A 406 -39.34 19.86 0.43
N CYS A 407 -39.42 19.35 -0.80
CA CYS A 407 -40.56 19.66 -1.66
C CYS A 407 -41.86 19.19 -1.02
N ALA A 408 -41.83 18.05 -0.36
CA ALA A 408 -43.00 17.53 0.35
C ALA A 408 -43.09 18.03 1.78
N GLY A 409 -42.21 18.95 2.19
CA GLY A 409 -42.20 19.43 3.55
C GLY A 409 -43.37 20.32 3.91
N PRO A 410 -43.42 21.52 3.33
CA PRO A 410 -44.46 22.49 3.72
C PRO A 410 -45.88 22.00 3.50
N ARG A 411 -46.11 21.08 2.56
CA ARG A 411 -47.48 20.67 2.25
C ARG A 411 -48.16 19.97 3.42
N ALA A 412 -47.40 19.52 4.42
CA ALA A 412 -48.02 18.92 5.59
C ALA A 412 -48.88 19.92 6.35
N TRP A 413 -48.40 21.14 6.51
CA TRP A 413 -49.14 22.18 7.20
C TRP A 413 -48.67 23.58 6.77
C1 NAG B . 6.12 -5.32 8.75
C2 NAG B . 7.20 -4.37 9.28
C3 NAG B . 6.77 -3.78 10.63
C4 NAG B . 6.22 -4.86 11.54
C5 NAG B . 5.08 -5.62 10.86
C6 NAG B . 3.75 -5.41 11.54
C7 NAG B . 9.65 -4.51 9.14
C8 NAG B . 9.62 -3.09 8.66
N2 NAG B . 8.47 -5.07 9.42
O3 NAG B . 5.77 -2.80 10.41
O4 NAG B . 7.26 -5.80 11.85
O5 NAG B . 4.93 -5.16 9.51
O6 NAG B . 3.33 -6.56 12.26
O7 NAG B . 10.70 -5.13 9.27
C1 NAG B . 8.18 -5.26 12.80
C2 NAG B . 7.49 -5.07 14.17
C3 NAG B . 7.44 -6.37 14.97
C4 NAG B . 8.82 -7.00 15.12
C5 NAG B . 9.85 -6.26 14.27
C6 NAG B . 11.17 -6.99 14.16
C7 NAG B . 7.40 -3.03 15.55
C8 NAG B . 5.91 -3.09 15.37
N2 NAG B . 8.09 -4.00 14.94
O3 NAG B . 6.57 -7.29 14.32
O4 NAG B . 9.22 -6.99 16.49
O5 NAG B . 9.34 -6.12 12.94
O6 NAG B . 12.12 -6.23 13.42
O7 NAG B . 7.93 -2.14 16.20
C1 BMA B . 8.29 -7.81 17.23
C2 BMA B . 9.04 -9.12 17.71
C3 BMA B . 10.03 -8.82 18.84
C4 BMA B . 9.68 -7.53 19.60
C5 BMA B . 8.16 -7.39 19.65
C6 BMA B . 7.68 -6.32 20.61
O2 BMA B . 9.78 -9.68 16.64
O3 BMA B . 11.37 -8.76 18.37
O4 BMA B . 10.20 -7.59 20.92
O5 BMA B . 7.70 -7.06 18.32
O6 BMA B . 8.20 -6.61 21.91
C1 NAG C . 27.72 -30.46 1.89
C2 NAG C . 27.74 -31.75 2.71
C3 NAG C . 27.34 -32.95 1.85
C4 NAG C . 28.14 -32.99 0.54
C5 NAG C . 28.17 -31.62 -0.11
C6 NAG C . 27.72 -31.64 -1.56
C7 NAG C . 29.22 -32.40 4.57
C8 NAG C . 27.97 -32.68 5.35
N2 NAG C . 29.04 -31.96 3.32
O3 NAG C . 25.95 -32.90 1.57
O4 NAG C . 29.47 -33.43 0.80
O5 NAG C . 27.28 -30.74 0.58
O6 NAG C . 26.75 -30.64 -1.82
O7 NAG C . 30.33 -32.56 5.06
C1 NAG C . 29.79 -34.54 -0.07
C2 NAG C . 29.09 -35.80 0.44
C3 NAG C . 29.38 -36.98 -0.48
C4 NAG C . 29.02 -36.64 -1.92
C5 NAG C . 29.72 -35.34 -2.34
C6 NAG C . 29.31 -34.86 -3.71
C7 NAG C . 28.74 -36.77 2.67
C8 NAG C . 29.33 -36.99 4.04
N2 NAG C . 29.51 -36.11 1.80
O3 NAG C . 28.63 -38.11 -0.06
O4 NAG C . 29.43 -37.69 -2.79
O5 NAG C . 29.38 -34.28 -1.43
O6 NAG C . 27.94 -34.45 -3.73
O7 NAG C . 27.61 -37.16 2.38
C1 BMA C . 28.27 -38.25 -3.43
C2 BMA C . 28.76 -39.29 -4.46
C3 BMA C . 27.57 -40.03 -5.08
C4 BMA C . 26.62 -40.55 -3.98
C5 BMA C . 26.21 -39.41 -3.05
C6 BMA C . 25.30 -39.87 -1.92
O2 BMA C . 29.58 -40.26 -3.86
O3 BMA C . 27.98 -41.09 -5.92
O4 BMA C . 25.46 -41.11 -4.59
O5 BMA C . 27.41 -38.86 -2.47
O6 BMA C . 24.17 -40.50 -2.50
#